data_5UM9
#
_entry.id   5UM9
#
_cell.length_a   105.846
_cell.length_b   105.846
_cell.length_c   100.709
_cell.angle_alpha   90.000
_cell.angle_beta   90.000
_cell.angle_gamma   120.000
#
_symmetry.space_group_name_H-M   'P 31 2 1'
#
loop_
_entity.id
_entity.type
_entity.pdbx_description
1 polymer 'Flap endonuclease 1'
2 polymer "DNA (5'-D(*AP*CP*TP*CP*TP*GP*CP*CP*TP*CP*AP*AP*GP*AP*CP*GP*GP*T)-3')"
3 polymer "DNA (5'-D(P*TP*CP*TP*TP*GP*AP*GP*GP*CP*AP*GP*AP*GP*T)-3')"
4 polymer "DNA (5'-D(*AP*CP*CP*GP*TP*CP*C)-3')"
5 non-polymer 'POTASSIUM ION'
6 non-polymer 'SAMARIUM (III) ION'
7 water water
#
loop_
_entity_poly.entity_id
_entity_poly.type
_entity_poly.pdbx_seq_one_letter_code
_entity_poly.pdbx_strand_id
1 'polypeptide(L)'
;GIQGLAKLIADVAPSAIRENDIKSYFGRKVAIDASMSIYQFLIAVRQGGDVLQNEEGETTSHLMGMFYRTIRMMENGIKP
VYVFNGKPPQLKSGELAKRSERRAEAEKQLQQAQAAGAEQEVEKFTKRLVKVTKQHNDECKHLLSLMGIPYLDAPSEAEA
SCAALVKAGKVYAAATEDMDCLTFGSPVLMRHLTASEAKKLPIQEFHLSRILQELGLNQEQFVDLCILLGSDYCESIRGI
GPKRAVDLIQKHKSIEEIVRRLDPNKYPVPENWLHKEAHQLFLEPEVLDPESVELKWSEPNEEELIKFMCGEKQFSEERI
RSGVKRLSKSRQGSTLEVLFQ
;
A
2 'polydeoxyribonucleotide' (DA)(DC)(DT)(DC)(DT)(DG)(DC)(DC)(DT)(DC)(DA)(DA)(DG)(DA)(DC)(DG)(DG)(DT) D
3 'polydeoxyribonucleotide' (DA)(DT)(DA)(DT)(DC)(DT)(DT)(DG)(DA)(DG)(DG)(DC)(DA)(DG)(DA)(DG)(DT) E
4 'polydeoxyribonucleotide' (DA)(DC)(DC)(DG)(DT)(DC)(DC) F
#
loop_
_chem_comp.id
_chem_comp.type
_chem_comp.name
_chem_comp.formula
DA DNA linking 2'-DEOXYADENOSINE-5'-MONOPHOSPHATE 'C10 H14 N5 O6 P'
DC DNA linking 2'-DEOXYCYTIDINE-5'-MONOPHOSPHATE 'C9 H14 N3 O7 P'
DG DNA linking 2'-DEOXYGUANOSINE-5'-MONOPHOSPHATE 'C10 H14 N5 O7 P'
DT DNA linking THYMIDINE-5'-MONOPHOSPHATE 'C10 H15 N2 O8 P'
K non-polymer 'POTASSIUM ION' 'K 1'
SM non-polymer 'SAMARIUM (III) ION' 'Sm 3'
#
# COMPACT_ATOMS: atom_id res chain seq x y z
N GLY A 1 6.22 -0.56 7.53
CA GLY A 1 7.05 -1.31 6.60
C GLY A 1 8.38 -1.73 7.20
N ILE A 2 9.46 -1.35 6.55
CA ILE A 2 10.81 -1.69 6.98
C ILE A 2 11.61 -0.40 7.13
N GLN A 3 12.29 -0.26 8.27
CA GLN A 3 12.99 0.97 8.62
C GLN A 3 14.09 1.32 7.61
N GLY A 4 13.84 2.33 6.78
CA GLY A 4 14.87 2.83 5.88
C GLY A 4 15.37 1.84 4.87
N LEU A 5 14.49 0.97 4.37
CA LEU A 5 14.91 0.00 3.36
C LEU A 5 15.16 0.67 2.01
N ALA A 6 14.31 1.62 1.64
CA ALA A 6 14.45 2.29 0.35
C ALA A 6 15.78 3.00 0.23
N LYS A 7 16.21 3.70 1.29
CA LYS A 7 17.49 4.40 1.26
C LYS A 7 18.65 3.41 1.15
N LEU A 8 18.59 2.32 1.90
CA LEU A 8 19.64 1.30 1.81
C LEU A 8 19.74 0.76 0.38
N ILE A 9 18.61 0.44 -0.24
CA ILE A 9 18.62 -0.07 -1.60
C ILE A 9 19.19 0.99 -2.54
N ALA A 10 18.83 2.25 -2.32
CA ALA A 10 19.33 3.32 -3.18
C ALA A 10 20.84 3.46 -3.10
N ASP A 11 21.40 3.30 -1.89
CA ASP A 11 22.83 3.52 -1.71
C ASP A 11 23.65 2.31 -2.10
N VAL A 12 23.18 1.11 -1.77
CA VAL A 12 23.96 -0.10 -1.92
C VAL A 12 23.60 -0.87 -3.19
N ALA A 13 22.32 -0.86 -3.58
CA ALA A 13 21.83 -1.62 -4.73
C ALA A 13 21.14 -0.68 -5.69
N PRO A 14 21.88 0.24 -6.31
CA PRO A 14 21.24 1.23 -7.20
C PRO A 14 20.64 0.60 -8.44
N SER A 15 21.17 -0.52 -8.93
CA SER A 15 20.65 -1.17 -10.12
C SER A 15 19.29 -1.81 -9.91
N ALA A 16 18.84 -1.96 -8.65
CA ALA A 16 17.55 -2.57 -8.40
C ALA A 16 16.40 -1.61 -8.66
N ILE A 17 16.67 -0.32 -8.76
CA ILE A 17 15.66 0.69 -9.00
C ILE A 17 15.70 1.07 -10.47
N ARG A 18 14.54 1.07 -11.11
CA ARG A 18 14.44 1.45 -12.52
C ARG A 18 13.28 2.42 -12.68
N GLU A 19 13.45 3.40 -13.57
CA GLU A 19 12.44 4.42 -13.79
C GLU A 19 12.00 4.38 -15.25
N ASN A 20 10.68 4.47 -15.45
CA ASN A 20 10.09 4.40 -16.77
C ASN A 20 8.94 5.39 -16.85
N ASP A 21 8.72 5.92 -18.04
CA ASP A 21 7.64 6.87 -18.23
C ASP A 21 6.29 6.18 -18.12
N ILE A 22 5.29 6.95 -17.66
CA ILE A 22 3.92 6.44 -17.57
C ILE A 22 3.45 5.89 -18.91
N LYS A 23 3.91 6.48 -20.02
CA LYS A 23 3.44 6.03 -21.33
C LYS A 23 3.94 4.65 -21.71
N SER A 24 4.89 4.09 -20.96
CA SER A 24 5.40 2.76 -21.25
C SER A 24 4.60 1.66 -20.58
N TYR A 25 3.60 2.01 -19.76
CA TYR A 25 2.85 1.04 -18.98
C TYR A 25 1.49 0.72 -19.58
N PHE A 26 1.25 1.08 -20.84
CA PHE A 26 -0.03 0.78 -21.46
C PHE A 26 -0.25 -0.72 -21.52
N GLY A 27 -1.43 -1.16 -21.10
CA GLY A 27 -1.78 -2.56 -21.16
C GLY A 27 -1.25 -3.42 -20.02
N ARG A 28 -0.78 -2.81 -18.94
CA ARG A 28 -0.20 -3.53 -17.82
C ARG A 28 -1.21 -3.63 -16.67
N LYS A 29 -1.14 -4.72 -15.93
CA LYS A 29 -2.01 -4.95 -14.78
C LYS A 29 -1.23 -4.75 -13.49
N VAL A 30 -1.83 -4.05 -12.52
CA VAL A 30 -1.17 -3.73 -11.26
C VAL A 30 -2.09 -4.09 -10.11
N ALA A 31 -1.50 -4.40 -8.95
CA ALA A 31 -2.25 -4.66 -7.72
C ALA A 31 -2.01 -3.51 -6.74
N ILE A 32 -3.04 -2.74 -6.46
CA ILE A 32 -2.92 -1.54 -5.63
C ILE A 32 -3.30 -1.87 -4.19
N ASP A 33 -2.54 -1.31 -3.24
CA ASP A 33 -2.95 -1.37 -1.83
C ASP A 33 -4.04 -0.31 -1.61
N ALA A 34 -5.25 -0.75 -1.32
CA ALA A 34 -6.38 0.16 -1.26
C ALA A 34 -6.40 0.99 0.02
N SER A 35 -6.12 0.37 1.16
CA SER A 35 -6.17 1.10 2.43
C SER A 35 -5.28 2.33 2.41
N MET A 36 -4.10 2.21 1.81
CA MET A 36 -3.18 3.34 1.75
C MET A 36 -3.73 4.46 0.87
N SER A 37 -4.34 4.10 -0.26
CA SER A 37 -4.99 5.10 -1.09
C SER A 37 -6.10 5.81 -0.32
N ILE A 38 -6.87 5.05 0.46
CA ILE A 38 -7.97 5.66 1.22
C ILE A 38 -7.42 6.62 2.27
N TYR A 39 -6.34 6.23 2.97
CA TYR A 39 -5.71 7.14 3.91
C TYR A 39 -5.27 8.42 3.20
N GLN A 40 -4.60 8.29 2.06
CA GLN A 40 -4.15 9.45 1.32
C GLN A 40 -5.32 10.38 0.98
N PHE A 41 -6.39 9.82 0.40
CA PHE A 41 -7.53 10.65 0.02
C PHE A 41 -8.17 11.31 1.23
N LEU A 42 -8.32 10.57 2.33
CA LEU A 42 -8.98 11.13 3.50
C LEU A 42 -8.13 12.22 4.15
N ILE A 43 -6.81 12.15 4.01
CA ILE A 43 -5.94 13.17 4.60
C ILE A 43 -5.87 14.40 3.72
N ALA A 44 -5.69 14.21 2.41
CA ALA A 44 -5.42 15.32 1.51
C ALA A 44 -6.67 16.00 0.99
N VAL A 45 -7.67 15.23 0.57
CA VAL A 45 -8.86 15.79 -0.08
C VAL A 45 -9.73 16.49 0.96
N ARG A 46 -9.45 17.77 1.20
CA ARG A 46 -10.25 18.55 2.14
C ARG A 46 -10.15 20.02 1.76
N GLN A 47 -11.09 20.80 2.27
CA GLN A 47 -11.14 22.23 2.00
C GLN A 47 -11.54 22.96 3.28
N GLY A 48 -10.72 23.94 3.67
CA GLY A 48 -10.98 24.66 4.90
C GLY A 48 -10.88 23.82 6.14
N GLY A 49 -9.97 22.84 6.16
CA GLY A 49 -9.82 21.95 7.28
C GLY A 49 -10.86 20.87 7.40
N ASP A 50 -11.97 20.97 6.66
CA ASP A 50 -13.05 20.01 6.70
C ASP A 50 -13.02 19.13 5.45
N VAL A 51 -13.51 17.91 5.59
CA VAL A 51 -13.50 16.92 4.53
C VAL A 51 -14.76 17.06 3.68
N LEU A 52 -14.65 16.72 2.39
CA LEU A 52 -15.81 16.74 1.52
C LEU A 52 -16.89 15.79 2.03
N GLN A 53 -18.13 16.24 2.00
CA GLN A 53 -19.23 15.47 2.55
C GLN A 53 -20.51 15.84 1.82
N ASN A 54 -21.58 15.10 2.13
CA ASN A 54 -22.92 15.39 1.66
C ASN A 54 -23.71 16.07 2.78
N GLU A 55 -25.01 16.26 2.57
CA GLU A 55 -25.83 16.93 3.57
C GLU A 55 -26.07 16.04 4.79
N GLU A 56 -26.04 14.73 4.59
CA GLU A 56 -26.28 13.81 5.71
C GLU A 56 -25.05 13.69 6.63
N GLY A 57 -23.98 14.42 6.32
CA GLY A 57 -22.80 14.37 7.15
C GLY A 57 -21.92 13.18 6.92
N GLU A 58 -21.88 12.67 5.69
CA GLU A 58 -21.13 11.47 5.35
C GLU A 58 -19.95 11.84 4.46
N THR A 59 -18.77 11.33 4.82
CA THR A 59 -17.56 11.63 4.07
C THR A 59 -17.66 11.13 2.64
N THR A 60 -17.06 11.87 1.71
CA THR A 60 -17.04 11.48 0.31
C THR A 60 -15.67 11.65 -0.34
N SER A 61 -14.64 12.04 0.42
CA SER A 61 -13.33 12.25 -0.18
C SER A 61 -12.75 10.96 -0.73
N HIS A 62 -12.88 9.86 0.02
CA HIS A 62 -12.37 8.58 -0.46
C HIS A 62 -13.01 8.19 -1.78
N LEU A 63 -14.29 8.54 -1.97
CA LEU A 63 -14.95 8.25 -3.24
C LEU A 63 -14.44 9.15 -4.36
N MET A 64 -14.23 10.44 -4.05
CA MET A 64 -13.64 11.37 -5.01
C MET A 64 -12.31 10.83 -5.53
N GLY A 65 -11.41 10.50 -4.61
CA GLY A 65 -10.08 10.06 -5.01
C GLY A 65 -10.13 8.73 -5.74
N MET A 66 -10.81 7.74 -5.16
CA MET A 66 -10.92 6.44 -5.81
C MET A 66 -11.44 6.58 -7.24
N PHE A 67 -12.56 7.30 -7.40
CA PHE A 67 -13.17 7.49 -8.71
C PHE A 67 -12.18 8.09 -9.70
N TYR A 68 -11.71 9.31 -9.41
CA TYR A 68 -10.93 10.03 -10.42
C TYR A 68 -9.55 9.39 -10.64
N ARG A 69 -8.86 9.02 -9.57
CA ARG A 69 -7.56 8.40 -9.74
C ARG A 69 -7.68 7.13 -10.58
N THR A 70 -8.66 6.28 -10.24
CA THR A 70 -8.86 5.05 -11.01
C THR A 70 -9.10 5.36 -12.49
N ILE A 71 -9.97 6.35 -12.76
CA ILE A 71 -10.23 6.70 -14.16
C ILE A 71 -8.95 7.13 -14.86
N ARG A 72 -8.08 7.86 -14.15
CA ARG A 72 -6.84 8.31 -14.76
C ARG A 72 -5.94 7.13 -15.10
N MET A 73 -5.75 6.22 -14.14
CA MET A 73 -4.97 5.02 -14.42
C MET A 73 -5.50 4.31 -15.65
N MET A 74 -6.82 4.13 -15.73
CA MET A 74 -7.40 3.47 -16.89
C MET A 74 -7.09 4.25 -18.17
N GLU A 75 -7.17 5.58 -18.12
CA GLU A 75 -6.88 6.38 -19.30
C GLU A 75 -5.45 6.17 -19.77
N ASN A 76 -4.54 5.86 -18.86
CA ASN A 76 -3.18 5.54 -19.25
C ASN A 76 -2.99 4.06 -19.57
N GLY A 77 -4.07 3.31 -19.75
CA GLY A 77 -3.98 1.91 -20.09
C GLY A 77 -3.55 1.00 -18.97
N ILE A 78 -3.60 1.47 -17.72
CA ILE A 78 -3.20 0.67 -16.58
C ILE A 78 -4.45 0.04 -15.98
N LYS A 79 -4.43 -1.29 -15.87
CA LYS A 79 -5.56 -2.03 -15.35
C LYS A 79 -5.28 -2.39 -13.90
N PRO A 80 -5.95 -1.76 -12.92
CA PRO A 80 -5.63 -2.05 -11.52
C PRO A 80 -6.61 -3.01 -10.87
N VAL A 81 -6.14 -3.75 -9.88
CA VAL A 81 -6.99 -4.51 -8.98
C VAL A 81 -6.66 -4.05 -7.57
N TYR A 82 -7.67 -3.53 -6.87
CA TYR A 82 -7.51 -3.09 -5.51
C TYR A 82 -7.56 -4.30 -4.56
N VAL A 83 -6.58 -4.38 -3.66
CA VAL A 83 -6.52 -5.43 -2.65
C VAL A 83 -6.74 -4.77 -1.29
N PHE A 84 -7.74 -5.27 -0.56
CA PHE A 84 -8.09 -4.75 0.75
C PHE A 84 -7.51 -5.61 1.87
N ASN A 85 -7.24 -4.98 3.01
CA ASN A 85 -6.65 -5.66 4.15
C ASN A 85 -7.67 -6.57 4.83
N GLY A 86 -7.14 -7.54 5.58
CA GLY A 86 -7.94 -8.47 6.36
C GLY A 86 -7.51 -8.48 7.82
N LYS A 87 -7.58 -9.64 8.42
CA LYS A 87 -7.25 -9.80 9.84
C LYS A 87 -5.75 -9.56 10.07
N PRO A 88 -5.36 -8.56 10.86
CA PRO A 88 -3.92 -8.31 11.04
C PRO A 88 -3.26 -9.43 11.82
N PRO A 89 -1.98 -9.72 11.54
CA PRO A 89 -1.29 -10.75 12.32
C PRO A 89 -1.07 -10.31 13.76
N GLN A 90 -1.17 -11.28 14.69
CA GLN A 90 -1.01 -10.96 16.10
C GLN A 90 0.37 -10.43 16.41
N LEU A 91 1.39 -10.88 15.67
CA LEU A 91 2.72 -10.33 15.86
C LEU A 91 2.75 -8.82 15.64
N LYS A 92 1.83 -8.30 14.81
CA LYS A 92 1.78 -6.87 14.55
C LYS A 92 1.07 -6.11 15.66
N SER A 93 0.33 -6.81 16.53
CA SER A 93 -0.43 -6.15 17.59
C SER A 93 0.41 -5.11 18.31
N GLY A 94 1.63 -5.48 18.70
CA GLY A 94 2.54 -4.56 19.34
C GLY A 94 2.61 -3.23 18.58
N GLU A 95 3.06 -3.28 17.33
CA GLU A 95 3.09 -2.07 16.52
C GLU A 95 1.71 -1.44 16.44
N LEU A 96 0.67 -2.27 16.27
CA LEU A 96 -0.69 -1.73 16.18
C LEU A 96 -1.07 -0.97 17.44
N ALA A 97 -0.43 -1.25 18.56
CA ALA A 97 -0.68 -0.48 19.77
C ALA A 97 0.12 0.81 19.79
N LYS A 98 1.36 0.78 19.28
CA LYS A 98 2.19 1.97 19.31
C LYS A 98 1.63 3.07 18.40
N ARG A 99 1.17 2.70 17.21
CA ARG A 99 0.46 3.66 16.37
C ARG A 99 -0.77 4.21 17.07
N SER A 100 -1.32 3.48 18.04
CA SER A 100 -2.44 4.02 18.82
C SER A 100 -1.96 5.08 19.79
N GLU A 101 -0.76 4.89 20.37
CA GLU A 101 -0.21 5.92 21.25
C GLU A 101 -0.06 7.24 20.50
N ARG A 102 0.42 7.18 19.25
CA ARG A 102 0.51 8.39 18.44
C ARG A 102 -0.84 9.09 18.35
N ARG A 103 -1.93 8.32 18.36
CA ARG A 103 -3.26 8.93 18.38
C ARG A 103 -3.59 9.45 19.78
N ALA A 104 -3.25 8.69 20.81
CA ALA A 104 -3.47 9.15 22.18
C ALA A 104 -2.81 10.51 22.40
N GLU A 105 -1.55 10.64 21.99
CA GLU A 105 -0.85 11.92 22.07
C GLU A 105 -1.24 12.82 20.90
N ALA A 106 -2.53 12.90 20.60
CA ALA A 106 -3.01 13.75 19.51
C ALA A 106 -4.41 14.24 19.81
N GLU A 107 -5.33 13.32 20.10
CA GLU A 107 -6.70 13.71 20.45
C GLU A 107 -6.69 14.65 21.65
N LYS A 108 -5.99 14.27 22.71
CA LYS A 108 -5.85 15.15 23.86
C LYS A 108 -5.19 16.47 23.46
N GLN A 109 -4.28 16.43 22.50
CA GLN A 109 -3.64 17.66 22.01
C GLN A 109 -4.57 18.47 21.13
N LEU A 110 -5.65 17.87 20.63
CA LEU A 110 -6.63 18.59 19.83
C LEU A 110 -7.67 19.30 20.69
N GLN A 111 -7.49 19.31 22.00
CA GLN A 111 -8.42 19.97 22.91
C GLN A 111 -7.92 21.31 23.42
N GLN A 112 -6.61 21.44 23.65
CA GLN A 112 -6.06 22.69 24.14
C GLN A 112 -5.83 23.70 23.02
N ALA A 113 -5.52 23.22 21.81
CA ALA A 113 -5.31 24.11 20.68
C ALA A 113 -6.58 24.35 19.87
N GLN A 114 -7.58 23.48 20.00
CA GLN A 114 -8.87 23.75 19.37
C GLN A 114 -9.64 24.83 20.13
N ALA A 115 -9.37 24.96 21.43
CA ALA A 115 -9.95 26.03 22.23
C ALA A 115 -9.09 27.29 22.24
N ALA A 116 -7.84 27.20 21.80
CA ALA A 116 -6.97 28.38 21.74
C ALA A 116 -7.29 29.24 20.53
N GLY A 117 -7.59 28.61 19.39
CA GLY A 117 -7.95 29.34 18.18
C GLY A 117 -6.99 29.16 17.02
N ALA A 118 -5.92 28.38 17.17
CA ALA A 118 -4.96 28.19 16.08
C ALA A 118 -5.58 27.31 15.01
N GLU A 119 -5.82 27.88 13.83
CA GLU A 119 -6.45 27.14 12.75
C GLU A 119 -5.52 26.05 12.23
N GLN A 120 -4.33 26.44 11.76
CA GLN A 120 -3.46 25.49 11.06
C GLN A 120 -3.10 24.32 11.96
N GLU A 121 -2.85 24.57 13.25
CA GLU A 121 -2.57 23.48 14.18
C GLU A 121 -3.74 22.50 14.23
N VAL A 122 -4.94 23.03 14.46
CA VAL A 122 -6.14 22.19 14.48
C VAL A 122 -6.21 21.34 13.22
N GLU A 123 -5.92 21.93 12.07
CA GLU A 123 -5.93 21.17 10.82
C GLU A 123 -4.88 20.06 10.85
N LYS A 124 -3.71 20.34 11.42
CA LYS A 124 -2.66 19.34 11.49
C LYS A 124 -3.10 18.13 12.32
N PHE A 125 -3.50 18.39 13.57
CA PHE A 125 -3.88 17.27 14.44
C PHE A 125 -5.10 16.54 13.89
N THR A 126 -6.06 17.27 13.33
CA THR A 126 -7.20 16.62 12.68
C THR A 126 -6.72 15.68 11.58
N LYS A 127 -5.79 16.14 10.75
CA LYS A 127 -5.22 15.26 9.73
C LYS A 127 -4.57 14.04 10.36
N ARG A 128 -3.93 14.21 11.51
CA ARG A 128 -3.27 13.09 12.17
C ARG A 128 -4.22 12.13 12.85
N LEU A 129 -5.49 12.52 13.05
CA LEU A 129 -6.48 11.66 13.70
C LEU A 129 -7.38 10.96 12.69
N VAL A 130 -6.92 10.77 11.46
CA VAL A 130 -7.70 10.10 10.44
C VAL A 130 -7.53 8.58 10.60
N LYS A 131 -8.66 7.87 10.61
CA LYS A 131 -8.66 6.42 10.69
C LYS A 131 -9.64 5.87 9.67
N VAL A 132 -9.23 4.82 8.97
CA VAL A 132 -10.07 4.20 7.94
C VAL A 132 -10.96 3.16 8.60
N THR A 133 -12.27 3.29 8.38
CA THR A 133 -13.26 2.42 8.99
C THR A 133 -13.77 1.42 7.95
N LYS A 134 -14.64 0.52 8.41
CA LYS A 134 -15.23 -0.46 7.50
C LYS A 134 -16.23 0.18 6.55
N GLN A 135 -16.88 1.28 6.96
CA GLN A 135 -17.80 1.94 6.06
C GLN A 135 -17.07 2.52 4.86
N HIS A 136 -15.85 3.02 5.08
CA HIS A 136 -15.03 3.50 3.98
C HIS A 136 -14.71 2.36 3.02
N ASN A 137 -14.19 1.25 3.55
CA ASN A 137 -13.83 0.12 2.71
C ASN A 137 -15.04 -0.41 1.94
N ASP A 138 -16.21 -0.40 2.57
CA ASP A 138 -17.41 -0.95 1.93
C ASP A 138 -17.93 -0.02 0.85
N GLU A 139 -17.91 1.29 1.09
CA GLU A 139 -18.34 2.24 0.06
C GLU A 139 -17.36 2.24 -1.11
N CYS A 140 -16.07 2.07 -0.83
CA CYS A 140 -15.09 1.94 -1.91
C CYS A 140 -15.33 0.67 -2.71
N LYS A 141 -15.50 -0.46 -2.05
CA LYS A 141 -15.82 -1.70 -2.75
C LYS A 141 -17.04 -1.51 -3.64
N HIS A 142 -18.10 -0.93 -3.09
CA HIS A 142 -19.31 -0.70 -3.88
C HIS A 142 -18.99 0.13 -5.11
N LEU A 143 -18.26 1.23 -4.94
CA LEU A 143 -17.92 2.09 -6.07
C LEU A 143 -17.14 1.32 -7.13
N LEU A 144 -16.10 0.59 -6.71
CA LEU A 144 -15.31 -0.18 -7.66
C LEU A 144 -16.18 -1.14 -8.44
N SER A 145 -17.06 -1.87 -7.75
CA SER A 145 -17.94 -2.81 -8.44
C SER A 145 -18.82 -2.08 -9.45
N LEU A 146 -19.34 -0.90 -9.08
CA LEU A 146 -20.13 -0.13 -10.03
C LEU A 146 -19.28 0.35 -11.20
N MET A 147 -17.98 0.49 -11.01
CA MET A 147 -17.09 0.96 -12.08
C MET A 147 -16.56 -0.17 -12.94
N GLY A 148 -16.80 -1.43 -12.58
CA GLY A 148 -16.23 -2.55 -13.30
C GLY A 148 -14.82 -2.89 -12.91
N ILE A 149 -14.30 -2.28 -11.84
CA ILE A 149 -12.91 -2.45 -11.43
C ILE A 149 -12.84 -3.60 -10.43
N PRO A 150 -11.97 -4.58 -10.63
CA PRO A 150 -11.93 -5.72 -9.72
C PRO A 150 -11.23 -5.41 -8.42
N TYR A 151 -11.71 -6.05 -7.35
CA TYR A 151 -11.09 -5.96 -6.05
C TYR A 151 -11.09 -7.33 -5.38
N LEU A 152 -10.18 -7.48 -4.43
CA LEU A 152 -9.97 -8.74 -3.74
C LEU A 152 -9.78 -8.48 -2.25
N ASP A 153 -10.37 -9.34 -1.43
CA ASP A 153 -10.21 -9.27 0.02
C ASP A 153 -9.08 -10.19 0.43
N ALA A 154 -8.03 -9.62 1.00
CA ALA A 154 -6.94 -10.45 1.48
C ALA A 154 -7.31 -11.09 2.81
N PRO A 155 -6.84 -12.31 3.08
CA PRO A 155 -7.10 -12.91 4.40
C PRO A 155 -6.38 -12.19 5.52
N SER A 156 -5.19 -11.64 5.26
CA SER A 156 -4.42 -10.94 6.28
C SER A 156 -3.89 -9.62 5.73
N GLU A 157 -2.58 -9.50 5.56
CA GLU A 157 -1.97 -8.28 5.02
C GLU A 157 -2.17 -8.24 3.51
N ALA A 158 -2.64 -7.08 3.01
CA ALA A 158 -2.84 -6.93 1.57
C ALA A 158 -1.52 -6.95 0.80
N GLU A 159 -0.42 -6.53 1.44
CA GLU A 159 0.87 -6.52 0.76
C GLU A 159 1.32 -7.92 0.39
N ALA A 160 1.05 -8.90 1.26
CA ALA A 160 1.47 -10.27 0.98
C ALA A 160 0.61 -10.90 -0.13
N SER A 161 -0.68 -10.57 -0.15
CA SER A 161 -1.53 -11.02 -1.24
C SER A 161 -1.12 -10.40 -2.56
N CYS A 162 -0.78 -9.10 -2.54
CA CYS A 162 -0.23 -8.47 -3.74
C CYS A 162 1.02 -9.22 -4.21
N ALA A 163 1.96 -9.44 -3.30
CA ALA A 163 3.16 -10.20 -3.63
C ALA A 163 2.82 -11.56 -4.24
N ALA A 164 1.72 -12.17 -3.81
CA ALA A 164 1.36 -13.47 -4.36
C ALA A 164 0.73 -13.33 -5.74
N LEU A 165 -0.04 -12.28 -5.96
CA LEU A 165 -0.57 -12.01 -7.29
C LEU A 165 0.55 -11.75 -8.29
N VAL A 166 1.64 -11.12 -7.84
CA VAL A 166 2.77 -10.93 -8.74
C VAL A 166 3.55 -12.22 -8.93
N LYS A 167 3.82 -12.94 -7.84
CA LYS A 167 4.55 -14.21 -7.93
C LYS A 167 3.87 -15.17 -8.90
N ALA A 168 2.54 -15.09 -9.01
CA ALA A 168 1.78 -16.01 -9.81
C ALA A 168 1.50 -15.50 -11.23
N GLY A 169 2.00 -14.31 -11.56
CA GLY A 169 1.81 -13.76 -12.89
C GLY A 169 0.44 -13.16 -13.14
N LYS A 170 -0.39 -13.03 -12.10
CA LYS A 170 -1.72 -12.48 -12.30
C LYS A 170 -1.68 -10.98 -12.54
N VAL A 171 -0.67 -10.29 -12.00
CA VAL A 171 -0.38 -8.89 -12.28
C VAL A 171 1.12 -8.73 -12.43
N TYR A 172 1.53 -7.56 -12.92
CA TYR A 172 2.93 -7.30 -13.17
C TYR A 172 3.67 -6.82 -11.93
N ALA A 173 3.00 -6.06 -11.06
CA ALA A 173 3.64 -5.46 -9.91
C ALA A 173 2.58 -5.02 -8.90
N ALA A 174 3.06 -4.68 -7.71
CA ALA A 174 2.22 -4.15 -6.65
C ALA A 174 2.47 -2.66 -6.53
N ALA A 175 1.43 -1.87 -6.77
CA ALA A 175 1.45 -0.43 -6.48
C ALA A 175 1.16 -0.24 -4.99
N THR A 176 2.23 -0.02 -4.23
CA THR A 176 2.15 0.31 -2.81
C THR A 176 3.40 1.10 -2.46
N GLU A 177 3.30 1.85 -1.37
CA GLU A 177 4.48 2.41 -0.74
C GLU A 177 5.03 1.53 0.37
N ASP A 178 4.31 0.45 0.73
CA ASP A 178 4.73 -0.49 1.75
C ASP A 178 5.93 -1.29 1.25
N MET A 179 7.11 -1.01 1.80
CA MET A 179 8.33 -1.63 1.31
C MET A 179 8.45 -3.08 1.76
N ASP A 180 7.83 -3.45 2.89
CA ASP A 180 7.86 -4.85 3.30
C ASP A 180 7.12 -5.75 2.32
N CYS A 181 6.48 -5.17 1.31
CA CYS A 181 5.98 -5.99 0.20
C CYS A 181 7.11 -6.79 -0.44
N LEU A 182 8.33 -6.25 -0.43
CA LEU A 182 9.48 -6.98 -0.98
C LEU A 182 9.88 -8.16 -0.10
N THR A 183 9.63 -8.07 1.21
CA THR A 183 9.97 -9.18 2.10
C THR A 183 8.98 -10.33 2.00
N PHE A 184 7.75 -10.06 1.58
CA PHE A 184 6.80 -11.13 1.29
C PHE A 184 7.06 -11.79 -0.05
N GLY A 185 8.10 -11.38 -0.78
CA GLY A 185 8.54 -12.05 -1.98
C GLY A 185 8.07 -11.45 -3.29
N SER A 186 7.53 -10.22 -3.27
CA SER A 186 7.03 -9.57 -4.48
C SER A 186 8.15 -9.30 -5.46
N PRO A 187 8.16 -9.96 -6.62
CA PRO A 187 9.28 -9.75 -7.56
C PRO A 187 9.44 -8.32 -8.01
N VAL A 188 8.36 -7.54 -8.08
CA VAL A 188 8.41 -6.14 -8.49
C VAL A 188 7.51 -5.33 -7.57
N LEU A 189 8.03 -4.18 -7.13
CA LEU A 189 7.26 -3.18 -6.40
C LEU A 189 7.29 -1.87 -7.17
N MET A 190 6.15 -1.21 -7.28
CA MET A 190 6.06 0.08 -7.97
C MET A 190 5.67 1.18 -6.99
N ARG A 191 6.45 2.25 -6.98
CA ARG A 191 6.18 3.44 -6.19
C ARG A 191 5.90 4.62 -7.10
N HIS A 192 5.05 5.52 -6.60
CA HIS A 192 4.76 6.79 -7.24
C HIS A 192 3.96 6.58 -8.52
N LEU A 193 2.75 6.05 -8.39
CA LEU A 193 1.88 5.73 -9.53
C LEU A 193 0.52 6.39 -9.27
N THR A 194 0.34 7.57 -9.84
CA THR A 194 -0.93 8.27 -9.73
C THR A 194 -1.38 8.75 -11.11
N ALA A 195 -0.42 9.08 -11.96
CA ALA A 195 -0.73 9.57 -13.30
C ALA A 195 -1.63 10.80 -13.24
N SER A 196 -1.06 11.95 -12.91
CA SER A 196 -1.80 13.19 -12.75
C SER A 196 -1.44 14.17 -13.86
N GLU A 197 -2.36 15.10 -14.12
CA GLU A 197 -2.13 16.12 -15.15
C GLU A 197 -0.96 17.02 -14.77
N ALA A 198 -0.60 17.07 -13.49
CA ALA A 198 0.59 17.79 -13.01
C ALA A 198 1.45 16.80 -12.22
N LYS A 199 1.99 15.82 -12.93
CA LYS A 199 2.75 14.75 -12.29
C LYS A 199 3.95 15.32 -11.54
N LYS A 200 4.39 14.58 -10.52
CA LYS A 200 5.50 15.01 -9.67
C LYS A 200 6.64 14.01 -9.72
N LEU A 201 6.58 12.96 -8.88
CA LEU A 201 7.67 12.01 -8.76
C LEU A 201 7.58 10.97 -9.89
N PRO A 202 8.71 10.46 -10.35
CA PRO A 202 8.70 9.45 -11.41
C PRO A 202 8.38 8.07 -10.87
N ILE A 203 7.69 7.29 -11.69
CA ILE A 203 7.31 5.93 -11.31
C ILE A 203 8.59 5.11 -11.20
N GLN A 204 8.80 4.47 -10.05
CA GLN A 204 10.00 3.67 -9.88
C GLN A 204 9.63 2.23 -9.53
N GLU A 205 10.37 1.30 -10.14
CA GLU A 205 10.22 -0.13 -9.91
C GLU A 205 11.43 -0.64 -9.14
N PHE A 206 11.15 -1.35 -8.05
CA PHE A 206 12.15 -2.13 -7.31
C PHE A 206 12.00 -3.59 -7.72
N HIS A 207 13.06 -4.17 -8.25
CA HIS A 207 13.08 -5.57 -8.65
C HIS A 207 13.82 -6.40 -7.60
N LEU A 208 13.13 -7.40 -7.05
CA LEU A 208 13.68 -8.19 -5.95
C LEU A 208 14.94 -8.94 -6.36
N SER A 209 14.93 -9.57 -7.54
CA SER A 209 16.09 -10.34 -7.96
C SER A 209 17.35 -9.46 -8.05
N ARG A 210 17.19 -8.21 -8.49
CA ARG A 210 18.33 -7.31 -8.55
C ARG A 210 18.80 -6.94 -7.15
N ILE A 211 17.87 -6.73 -6.21
CA ILE A 211 18.24 -6.49 -4.82
C ILE A 211 19.10 -7.64 -4.30
N LEU A 212 18.56 -8.86 -4.40
CA LEU A 212 19.28 -10.04 -3.92
C LEU A 212 20.63 -10.19 -4.62
N GLN A 213 20.71 -9.82 -5.90
CA GLN A 213 21.97 -9.91 -6.61
C GLN A 213 22.99 -8.94 -6.04
N GLU A 214 22.64 -7.66 -5.94
CA GLU A 214 23.60 -6.66 -5.47
C GLU A 214 24.02 -6.95 -4.03
N LEU A 215 23.09 -7.37 -3.18
CA LEU A 215 23.43 -7.72 -1.80
C LEU A 215 24.09 -9.07 -1.66
N GLY A 216 24.03 -9.93 -2.68
CA GLY A 216 24.58 -11.25 -2.57
C GLY A 216 23.90 -12.10 -1.52
N LEU A 217 22.57 -12.10 -1.53
CA LEU A 217 21.77 -12.83 -0.54
C LEU A 217 20.67 -13.61 -1.24
N ASN A 218 20.04 -14.51 -0.49
CA ASN A 218 18.83 -15.20 -0.93
C ASN A 218 17.65 -14.70 -0.09
N GLN A 219 16.46 -15.23 -0.41
CA GLN A 219 15.24 -14.69 0.19
C GLN A 219 15.28 -14.80 1.72
N GLU A 220 15.73 -15.95 2.24
CA GLU A 220 15.80 -16.12 3.69
C GLU A 220 16.73 -15.10 4.33
N GLN A 221 17.94 -14.97 3.78
CA GLN A 221 18.90 -14.01 4.32
C GLN A 221 18.36 -12.59 4.20
N PHE A 222 17.62 -12.29 3.12
CA PHE A 222 17.08 -10.95 2.95
C PHE A 222 16.00 -10.67 3.98
N VAL A 223 15.14 -11.66 4.26
CA VAL A 223 14.14 -11.50 5.30
C VAL A 223 14.81 -11.27 6.65
N ASP A 224 15.89 -12.01 6.94
CA ASP A 224 16.62 -11.76 8.18
C ASP A 224 17.16 -10.34 8.22
N LEU A 225 17.71 -9.87 7.09
CA LEU A 225 18.21 -8.50 7.03
C LEU A 225 17.11 -7.49 7.33
N CYS A 226 15.92 -7.69 6.75
CA CYS A 226 14.83 -6.77 7.00
C CYS A 226 14.33 -6.85 8.44
N ILE A 227 14.43 -8.02 9.06
CA ILE A 227 14.10 -8.14 10.47
C ILE A 227 15.07 -7.32 11.31
N LEU A 228 16.35 -7.33 10.93
CA LEU A 228 17.33 -6.53 11.67
C LEU A 228 17.14 -5.05 11.42
N LEU A 229 16.72 -4.66 10.22
CA LEU A 229 16.57 -3.24 9.93
C LEU A 229 15.44 -2.62 10.75
N GLY A 230 14.33 -3.35 10.89
CA GLY A 230 13.19 -2.84 11.63
C GLY A 230 11.87 -3.16 10.97
N SER A 231 11.33 -4.33 11.26
CA SER A 231 10.03 -4.74 10.75
C SER A 231 8.92 -4.25 11.67
N ASP A 232 7.68 -4.60 11.34
CA ASP A 232 6.52 -4.26 12.14
C ASP A 232 6.01 -5.42 12.97
N TYR A 233 6.70 -6.57 12.95
CA TYR A 233 6.21 -7.78 13.58
C TYR A 233 7.08 -8.28 14.72
N CYS A 234 8.30 -7.77 14.86
CA CYS A 234 9.14 -8.12 15.99
C CYS A 234 10.13 -6.98 16.21
N GLU A 235 10.91 -7.10 17.28
CA GLU A 235 11.85 -6.06 17.65
C GLU A 235 13.17 -6.23 16.89
N SER A 236 13.92 -5.15 16.80
CA SER A 236 15.25 -5.15 16.22
C SER A 236 16.29 -5.04 17.33
N ILE A 237 17.51 -5.46 17.01
CA ILE A 237 18.60 -5.40 17.98
C ILE A 237 18.98 -3.95 18.21
N ARG A 238 19.06 -3.57 19.47
CA ARG A 238 19.43 -2.20 19.83
C ARG A 238 20.91 -1.98 19.51
N GLY A 239 21.18 -0.96 18.69
CA GLY A 239 22.55 -0.63 18.32
C GLY A 239 23.01 -1.18 17.00
N ILE A 240 22.17 -1.91 16.28
CA ILE A 240 22.49 -2.44 14.96
C ILE A 240 21.54 -1.84 13.96
N GLY A 241 22.09 -1.16 12.96
CA GLY A 241 21.31 -0.51 11.93
C GLY A 241 21.64 -1.06 10.56
N PRO A 242 21.60 -0.22 9.54
CA PRO A 242 21.84 -0.71 8.17
C PRO A 242 23.27 -1.18 7.95
N LYS A 243 24.23 -0.27 8.14
CA LYS A 243 25.62 -0.56 7.77
C LYS A 243 26.13 -1.81 8.47
N ARG A 244 25.77 -1.99 9.74
CA ARG A 244 26.28 -3.14 10.49
C ARG A 244 25.51 -4.41 10.15
N ALA A 245 24.20 -4.34 10.04
CA ALA A 245 23.41 -5.54 9.74
C ALA A 245 23.77 -6.10 8.37
N VAL A 246 24.01 -5.22 7.40
CA VAL A 246 24.38 -5.70 6.06
C VAL A 246 25.62 -6.58 6.13
N ASP A 247 26.68 -6.09 6.79
CA ASP A 247 27.90 -6.88 6.90
C ASP A 247 27.68 -8.14 7.74
N LEU A 248 26.86 -8.02 8.80
CA LEU A 248 26.62 -9.16 9.68
C LEU A 248 25.94 -10.31 8.94
N ILE A 249 25.03 -9.98 8.02
CA ILE A 249 24.33 -11.04 7.31
C ILE A 249 25.15 -11.50 6.10
N GLN A 250 25.82 -10.56 5.42
CA GLN A 250 26.74 -10.96 4.36
C GLN A 250 27.83 -11.91 4.87
N LYS A 251 28.13 -11.87 6.17
CA LYS A 251 29.18 -12.71 6.74
C LYS A 251 28.64 -13.97 7.41
N HIS A 252 27.53 -13.85 8.16
CA HIS A 252 27.01 -14.96 8.95
C HIS A 252 25.72 -15.57 8.41
N LYS A 253 25.02 -14.87 7.53
CA LYS A 253 23.95 -15.42 6.70
C LYS A 253 22.67 -15.76 7.45
N SER A 254 22.62 -15.58 8.76
CA SER A 254 21.39 -15.88 9.49
C SER A 254 21.41 -15.16 10.82
N ILE A 255 20.22 -15.03 11.42
CA ILE A 255 20.12 -14.43 12.74
C ILE A 255 20.57 -15.42 13.81
N GLU A 256 20.27 -16.70 13.63
CA GLU A 256 20.72 -17.71 14.58
C GLU A 256 22.23 -17.67 14.74
N GLU A 257 22.94 -17.67 13.61
CA GLU A 257 24.41 -17.61 13.65
C GLU A 257 24.88 -16.29 14.25
N ILE A 258 24.21 -15.18 13.90
CA ILE A 258 24.60 -13.88 14.43
C ILE A 258 24.54 -13.89 15.96
N VAL A 259 23.42 -14.37 16.52
CA VAL A 259 23.30 -14.47 17.97
C VAL A 259 24.38 -15.41 18.52
N ARG A 260 24.63 -16.52 17.82
CA ARG A 260 25.67 -17.46 18.22
C ARG A 260 27.07 -17.02 17.81
N ARG A 261 27.26 -15.72 17.53
CA ARG A 261 28.58 -15.22 17.15
C ARG A 261 28.78 -13.75 17.53
N LEU A 262 28.18 -13.32 18.63
CA LEU A 262 28.28 -11.93 19.07
C LEU A 262 28.58 -11.89 20.56
N ASP A 263 29.05 -10.73 21.01
CA ASP A 263 29.34 -10.50 22.42
C ASP A 263 28.11 -9.88 23.07
N PRO A 264 27.42 -10.57 24.00
CA PRO A 264 26.20 -10.00 24.57
C PRO A 264 26.43 -8.78 25.43
N ASN A 265 27.67 -8.52 25.87
CA ASN A 265 27.93 -7.33 26.69
C ASN A 265 27.72 -6.05 25.88
N LYS A 266 27.99 -6.08 24.58
CA LYS A 266 27.89 -4.89 23.74
C LYS A 266 26.53 -4.78 23.07
N TYR A 267 26.04 -5.89 22.48
CA TYR A 267 24.77 -5.91 21.76
C TYR A 267 23.88 -6.96 22.39
N PRO A 268 23.05 -6.60 23.36
CA PRO A 268 22.13 -7.57 23.96
C PRO A 268 20.94 -7.86 23.05
N VAL A 269 20.36 -9.04 23.26
CA VAL A 269 19.21 -9.50 22.49
C VAL A 269 17.92 -9.09 23.21
N PRO A 270 16.89 -8.63 22.50
CA PRO A 270 15.64 -8.26 23.18
C PRO A 270 15.04 -9.43 23.94
N GLU A 271 14.38 -9.12 25.05
CA GLU A 271 13.77 -10.15 25.88
C GLU A 271 12.54 -10.74 25.20
N ASN A 272 12.44 -12.06 25.21
CA ASN A 272 11.31 -12.77 24.59
C ASN A 272 11.20 -12.41 23.11
N TRP A 273 12.30 -12.57 22.39
CA TRP A 273 12.36 -12.18 20.99
C TRP A 273 11.58 -13.17 20.13
N LEU A 274 10.95 -12.65 19.07
CA LEU A 274 10.12 -13.44 18.18
C LEU A 274 10.64 -13.38 16.74
N HIS A 275 11.96 -13.36 16.57
CA HIS A 275 12.53 -13.21 15.24
C HIS A 275 12.26 -14.43 14.36
N LYS A 276 12.15 -15.62 14.96
CA LYS A 276 11.85 -16.81 14.18
C LYS A 276 10.41 -16.80 13.69
N GLU A 277 9.49 -16.29 14.52
CA GLU A 277 8.09 -16.24 14.11
C GLU A 277 7.85 -15.17 13.07
N ALA A 278 8.62 -14.08 13.11
CA ALA A 278 8.54 -13.07 12.06
C ALA A 278 9.18 -13.56 10.78
N HIS A 279 10.33 -14.24 10.88
CA HIS A 279 10.92 -14.89 9.72
C HIS A 279 9.91 -15.82 9.05
N GLN A 280 9.26 -16.66 9.84
CA GLN A 280 8.24 -17.56 9.32
C GLN A 280 7.10 -16.77 8.67
N LEU A 281 6.61 -15.74 9.36
CA LEU A 281 5.48 -14.98 8.84
C LEU A 281 5.80 -14.36 7.49
N PHE A 282 7.01 -13.82 7.36
CA PHE A 282 7.41 -13.18 6.11
C PHE A 282 7.59 -14.21 4.99
N LEU A 283 8.25 -15.33 5.29
CA LEU A 283 8.51 -16.31 4.24
C LEU A 283 7.26 -17.07 3.81
N GLU A 284 6.28 -17.20 4.71
CA GLU A 284 5.08 -18.02 4.45
C GLU A 284 3.86 -17.35 5.03
N PRO A 285 3.39 -16.27 4.41
CA PRO A 285 2.27 -15.50 4.95
C PRO A 285 0.93 -16.13 4.59
N GLU A 286 -0.10 -15.68 5.31
CA GLU A 286 -1.48 -16.09 5.03
C GLU A 286 -2.01 -15.27 3.86
N VAL A 287 -2.32 -15.94 2.76
CA VAL A 287 -2.58 -15.27 1.49
C VAL A 287 -3.73 -15.94 0.75
N LEU A 288 -4.45 -15.13 -0.02
CA LEU A 288 -5.50 -15.65 -0.89
C LEU A 288 -4.89 -16.55 -1.96
N ASP A 289 -5.76 -17.28 -2.66
CA ASP A 289 -5.32 -18.16 -3.73
C ASP A 289 -5.46 -17.44 -5.05
N PRO A 290 -4.38 -17.12 -5.76
CA PRO A 290 -4.53 -16.34 -7.00
C PRO A 290 -5.25 -17.09 -8.10
N GLU A 291 -5.18 -18.41 -8.14
CA GLU A 291 -5.80 -19.19 -9.21
C GLU A 291 -7.33 -19.21 -9.10
N SER A 292 -7.89 -18.80 -7.95
CA SER A 292 -9.33 -18.85 -7.76
C SER A 292 -10.04 -17.85 -8.65
N VAL A 293 -9.90 -16.57 -8.34
CA VAL A 293 -10.59 -15.51 -9.08
C VAL A 293 -9.75 -15.11 -10.28
N GLU A 294 -10.40 -14.99 -11.43
CA GLU A 294 -9.78 -14.47 -12.64
C GLU A 294 -10.26 -13.03 -12.83
N LEU A 295 -9.30 -12.12 -13.04
CA LEU A 295 -9.59 -10.69 -12.96
C LEU A 295 -10.19 -10.20 -14.28
N LYS A 296 -11.25 -9.41 -14.17
CA LYS A 296 -11.93 -8.86 -15.33
C LYS A 296 -12.23 -7.37 -15.10
N TRP A 297 -12.01 -6.57 -16.12
CA TRP A 297 -12.37 -5.16 -16.12
C TRP A 297 -13.60 -5.01 -17.01
N SER A 298 -14.76 -4.87 -16.39
CA SER A 298 -16.04 -4.92 -17.10
C SER A 298 -16.58 -3.52 -17.33
N GLU A 299 -17.59 -3.44 -18.18
CA GLU A 299 -18.17 -2.15 -18.51
C GLU A 299 -18.73 -1.49 -17.25
N PRO A 300 -18.49 -0.20 -17.04
CA PRO A 300 -19.09 0.47 -15.88
C PRO A 300 -20.60 0.62 -16.04
N ASN A 301 -21.29 0.59 -14.91
CA ASN A 301 -22.74 0.79 -14.86
C ASN A 301 -23.01 2.27 -14.63
N GLU A 302 -23.31 3.00 -15.70
CA GLU A 302 -23.44 4.45 -15.60
C GLU A 302 -24.62 4.86 -14.73
N GLU A 303 -25.78 4.23 -14.93
CA GLU A 303 -27.00 4.67 -14.24
C GLU A 303 -26.85 4.52 -12.73
N GLU A 304 -26.36 3.35 -12.28
CA GLU A 304 -26.19 3.14 -10.85
C GLU A 304 -25.12 4.05 -10.28
N LEU A 305 -24.09 4.36 -11.07
CA LEU A 305 -23.07 5.31 -10.59
C LEU A 305 -23.65 6.71 -10.41
N ILE A 306 -24.59 7.09 -11.29
CA ILE A 306 -25.24 8.39 -11.13
C ILE A 306 -26.15 8.38 -9.91
N LYS A 307 -26.92 7.31 -9.72
CA LYS A 307 -27.80 7.24 -8.56
C LYS A 307 -27.00 7.21 -7.25
N PHE A 308 -25.82 6.58 -7.26
CA PHE A 308 -25.05 6.46 -6.04
C PHE A 308 -24.23 7.72 -5.75
N MET A 309 -23.42 8.15 -6.74
CA MET A 309 -22.53 9.27 -6.52
C MET A 309 -23.29 10.59 -6.45
N CYS A 310 -24.21 10.82 -7.38
CA CYS A 310 -24.94 12.08 -7.43
C CYS A 310 -26.17 12.07 -6.53
N GLY A 311 -26.97 11.00 -6.62
CA GLY A 311 -28.19 10.95 -5.83
C GLY A 311 -27.94 10.92 -4.34
N GLU A 312 -27.02 10.06 -3.90
CA GLU A 312 -26.78 9.86 -2.47
C GLU A 312 -25.62 10.71 -1.97
N LYS A 313 -24.50 10.72 -2.69
CA LYS A 313 -23.31 11.43 -2.24
C LYS A 313 -23.21 12.85 -2.80
N GLN A 314 -24.15 13.26 -3.65
CA GLN A 314 -24.27 14.65 -4.07
C GLN A 314 -23.01 15.14 -4.79
N PHE A 315 -22.51 14.31 -5.71
CA PHE A 315 -21.52 14.76 -6.66
C PHE A 315 -22.21 15.46 -7.83
N SER A 316 -21.44 16.27 -8.57
CA SER A 316 -21.99 16.96 -9.73
C SER A 316 -22.26 15.95 -10.84
N GLU A 317 -23.44 16.07 -11.47
CA GLU A 317 -23.84 15.08 -12.47
C GLU A 317 -23.03 15.20 -13.75
N GLU A 318 -22.64 16.42 -14.13
CA GLU A 318 -21.87 16.59 -15.35
C GLU A 318 -20.50 15.94 -15.23
N ARG A 319 -19.75 16.30 -14.18
CA ARG A 319 -18.44 15.70 -13.96
C ARG A 319 -18.51 14.18 -13.94
N ILE A 320 -19.49 13.62 -13.25
CA ILE A 320 -19.59 12.17 -13.11
C ILE A 320 -19.92 11.53 -14.44
N ARG A 321 -20.90 12.07 -15.16
CA ARG A 321 -21.24 11.50 -16.46
C ARG A 321 -20.03 11.51 -17.40
N SER A 322 -19.36 12.66 -17.49
CA SER A 322 -18.19 12.74 -18.37
C SER A 322 -17.10 11.77 -17.91
N GLY A 323 -16.91 11.64 -16.60
CA GLY A 323 -15.93 10.70 -16.09
C GLY A 323 -16.24 9.28 -16.49
N VAL A 324 -17.51 8.87 -16.36
CA VAL A 324 -17.90 7.53 -16.76
C VAL A 324 -17.65 7.33 -18.26
N LYS A 325 -17.93 8.35 -19.07
CA LYS A 325 -17.65 8.23 -20.49
C LYS A 325 -16.16 8.03 -20.74
N ARG A 326 -15.32 8.78 -20.03
CA ARG A 326 -13.88 8.61 -20.16
C ARG A 326 -13.48 7.19 -19.78
N LEU A 327 -14.03 6.68 -18.67
CA LEU A 327 -13.66 5.36 -18.18
C LEU A 327 -14.06 4.28 -19.19
N SER A 328 -15.29 4.34 -19.70
CA SER A 328 -15.74 3.34 -20.67
C SER A 328 -14.91 3.41 -21.95
N LYS A 329 -14.54 4.62 -22.38
CA LYS A 329 -13.76 4.74 -23.62
C LYS A 329 -12.35 4.20 -23.44
N SER A 330 -11.73 4.47 -22.27
CA SER A 330 -10.39 3.94 -22.02
C SER A 330 -10.40 2.42 -21.88
N ARG A 331 -11.38 1.88 -21.15
CA ARG A 331 -11.51 0.43 -21.08
C ARG A 331 -11.73 -0.17 -22.47
N GLN A 332 -12.54 0.51 -23.29
CA GLN A 332 -12.69 0.08 -24.68
C GLN A 332 -11.34 0.03 -25.38
N GLY A 333 -10.47 1.00 -25.10
CA GLY A 333 -9.18 1.06 -25.75
C GLY A 333 -8.15 0.05 -25.24
N SER A 334 -8.32 -0.44 -24.01
CA SER A 334 -7.29 -1.27 -23.38
C SER A 334 -7.68 -2.72 -23.17
N THR A 335 -8.96 -3.07 -23.25
CA THR A 335 -9.41 -4.43 -22.95
C THR A 335 -10.07 -5.06 -24.16
N LEU A 336 -9.86 -6.36 -24.32
CA LEU A 336 -10.52 -7.15 -25.35
C LEU A 336 -11.77 -7.81 -24.77
N GLU A 337 -12.89 -7.64 -25.47
CA GLU A 337 -14.13 -8.24 -25.01
C GLU A 337 -14.08 -9.75 -25.16
N VAL A 338 -14.98 -10.42 -24.44
CA VAL A 338 -14.91 -11.87 -24.28
C VAL A 338 -15.15 -12.56 -25.61
N LEU A 339 -14.41 -13.64 -25.85
CA LEU A 339 -14.52 -14.43 -27.07
C LEU A 339 -14.88 -15.86 -26.69
N PHE A 340 -16.06 -16.32 -27.12
CA PHE A 340 -16.50 -17.67 -26.83
C PHE A 340 -16.04 -18.62 -27.92
N GLN A 341 -15.55 -19.79 -27.51
CA GLN A 341 -14.87 -20.69 -28.43
C GLN A 341 -15.56 -22.05 -28.47
K K E . 17.64 -1.17 14.85
SM SM F . 3.34 -3.45 5.76
SM SM G . -29.39 10.18 1.43
SM SM H . -26.58 7.94 3.56
SM SM I . 6.68 11.42 24.65
SM SM J . -19.16 -5.27 -24.39
#